data_5U02
#
_entry.id   5U02
#
_cell.length_a   105.690
_cell.length_b   105.690
_cell.length_c   80.500
_cell.angle_alpha   90.000
_cell.angle_beta   90.000
_cell.angle_gamma   120.000
#
_symmetry.space_group_name_H-M   'P 3 2 1'
#
loop_
_entity.id
_entity.type
_entity.pdbx_description
1 polymer 'Glycosyl transferase'
2 non-polymer IMIDAZOLE
3 water water
#
_entity_poly.entity_id   1
_entity_poly.type   'polypeptide(L)'
_entity_poly.pdbx_seq_one_letter_code
;SPEDFYEVMRLIAVEILNADLEEAHKDQILAEFLNRHFSFSRTNGFSLKVKLEEQPQWINALGDFIQAVPERVDALVMSK
LRPLLHYARAKDIDNYRTVEESYRQGQYYRFDIVDGKLNIQFNEGEPYFEGIDIAKPKVKMTAFKFDNHKIVTELTLNEF
MIGEGHYDVRLKLHSRNKKHTMYVPLSVNANKQYRFNIMLEDIKAYLPKEKIWDVFLEVQIGTEVFEVRVGNQRNKYAYT
AETSALIHLNNDFYRLTPYFTKDFNNISLYFTAITLTDSISMKLKGKNKIILTGLDRGYVFEEGMASVVLKDDMIMGMLS
QTSENEVEILLSKDIKKRDFKNIVKLNTAHMTYSLK
;
_entity_poly.pdbx_strand_id   A
#
# COMPACT_ATOMS: atom_id res chain seq x y z
N SER A 1 -27.30 17.88 -16.80
CA SER A 1 -28.16 18.21 -15.67
C SER A 1 -28.87 16.96 -15.14
N PRO A 2 -29.10 16.92 -13.80
CA PRO A 2 -29.50 15.67 -13.14
C PRO A 2 -30.74 14.99 -13.70
N GLU A 3 -31.90 15.64 -13.62
CA GLU A 3 -33.13 14.95 -14.01
C GLU A 3 -33.25 14.76 -15.52
N ASP A 4 -32.49 15.51 -16.32
CA ASP A 4 -32.40 15.16 -17.73
C ASP A 4 -31.63 13.85 -17.91
N PHE A 5 -30.65 13.60 -17.05
CA PHE A 5 -29.85 12.37 -17.12
C PHE A 5 -30.63 11.18 -16.60
N TYR A 6 -31.07 11.25 -15.33
CA TYR A 6 -31.75 10.13 -14.71
C TYR A 6 -33.12 9.88 -15.32
N GLU A 7 -33.69 10.89 -15.98
CA GLU A 7 -34.80 10.68 -16.89
C GLU A 7 -34.51 9.54 -17.86
N VAL A 8 -33.36 9.63 -18.53
CA VAL A 8 -32.95 8.66 -19.55
C VAL A 8 -32.76 7.27 -18.95
N MET A 9 -32.00 7.19 -17.85
CA MET A 9 -31.73 5.89 -17.24
C MET A 9 -33.01 5.23 -16.75
N ARG A 10 -34.00 6.04 -16.36
CA ARG A 10 -35.30 5.49 -16.01
C ARG A 10 -35.91 4.78 -17.21
N LEU A 11 -35.95 5.45 -18.36
CA LEU A 11 -36.59 4.85 -19.52
C LEU A 11 -35.84 3.61 -20.00
N ILE A 12 -34.50 3.61 -19.92
CA ILE A 12 -33.75 2.41 -20.26
C ILE A 12 -34.14 1.26 -19.33
N ALA A 13 -34.26 1.53 -18.03
CA ALA A 13 -34.76 0.52 -17.11
C ALA A 13 -36.16 0.07 -17.50
N VAL A 14 -36.98 0.98 -18.04
CA VAL A 14 -38.34 0.62 -18.44
C VAL A 14 -38.32 -0.37 -19.60
N GLU A 15 -37.43 -0.17 -20.58
CA GLU A 15 -37.43 -1.02 -21.76
C GLU A 15 -36.81 -2.38 -21.50
N ILE A 16 -35.85 -2.46 -20.57
CA ILE A 16 -35.36 -3.77 -20.17
C ILE A 16 -36.50 -4.62 -19.61
N LEU A 17 -37.47 -3.96 -18.96
CA LEU A 17 -38.62 -4.67 -18.40
C LEU A 17 -39.63 -5.07 -19.48
N ASN A 18 -39.79 -4.24 -20.52
CA ASN A 18 -40.73 -4.54 -21.59
C ASN A 18 -40.08 -5.27 -22.76
N ALA A 19 -38.84 -5.74 -22.61
CA ALA A 19 -38.29 -6.68 -23.58
C ALA A 19 -39.10 -7.98 -23.55
N ASP A 20 -38.80 -8.88 -24.47
CA ASP A 20 -39.65 -10.06 -24.64
C ASP A 20 -38.87 -11.34 -24.30
N LEU A 21 -38.83 -11.65 -23.00
CA LEU A 21 -38.42 -12.96 -22.51
C LEU A 21 -38.82 -13.05 -21.04
N GLU A 22 -38.26 -13.98 -20.28
CA GLU A 22 -38.81 -14.36 -18.98
C GLU A 22 -38.69 -13.21 -17.98
N GLU A 23 -39.38 -13.38 -16.84
CA GLU A 23 -39.35 -12.37 -15.79
C GLU A 23 -37.95 -12.29 -15.17
N ALA A 24 -37.46 -13.40 -14.62
CA ALA A 24 -36.22 -13.38 -13.84
C ALA A 24 -34.99 -13.12 -14.71
N HIS A 25 -35.07 -13.34 -16.01
CA HIS A 25 -33.94 -13.02 -16.88
C HIS A 25 -33.81 -11.52 -17.11
N LYS A 26 -34.92 -10.78 -17.03
CA LYS A 26 -34.84 -9.33 -17.19
C LYS A 26 -34.16 -8.68 -15.99
N ASP A 27 -34.49 -9.14 -14.78
CA ASP A 27 -33.87 -8.56 -13.59
C ASP A 27 -32.38 -8.85 -13.52
N GLN A 28 -31.96 -10.04 -13.92
CA GLN A 28 -30.52 -10.34 -13.97
C GLN A 28 -29.81 -9.40 -14.95
N ILE A 29 -30.36 -9.26 -16.15
CA ILE A 29 -29.88 -8.26 -17.09
C ILE A 29 -29.95 -6.87 -16.46
N LEU A 30 -31.03 -6.61 -15.71
CA LEU A 30 -31.18 -5.32 -15.04
C LEU A 30 -30.22 -5.19 -13.86
N ALA A 31 -30.02 -6.27 -13.11
CA ALA A 31 -29.11 -6.21 -11.96
C ALA A 31 -27.69 -5.86 -12.42
N GLU A 32 -27.24 -6.43 -13.54
CA GLU A 32 -25.94 -6.08 -14.09
C GLU A 32 -25.90 -4.64 -14.58
N PHE A 33 -27.05 -4.11 -14.99
CA PHE A 33 -27.12 -2.72 -15.44
C PHE A 33 -26.75 -1.74 -14.33
N LEU A 34 -27.25 -1.95 -13.10
CA LEU A 34 -26.94 -0.99 -12.05
C LEU A 34 -25.75 -1.38 -11.19
N ASN A 35 -25.20 -2.57 -11.34
CA ASN A 35 -23.88 -2.80 -10.77
C ASN A 35 -22.89 -1.90 -11.47
N ARG A 36 -23.01 -1.80 -12.79
CA ARG A 36 -22.03 -1.05 -13.57
C ARG A 36 -22.23 0.45 -13.43
N HIS A 37 -23.48 0.91 -13.57
CA HIS A 37 -23.80 2.33 -13.55
C HIS A 37 -23.39 2.98 -12.22
N PHE A 38 -23.67 2.31 -11.09
CA PHE A 38 -23.21 2.81 -9.79
C PHE A 38 -21.70 2.68 -9.63
N SER A 39 -21.06 1.80 -10.40
CA SER A 39 -19.61 1.64 -10.29
C SER A 39 -18.84 2.54 -11.23
N PHE A 40 -19.44 2.97 -12.34
CA PHE A 40 -18.68 3.64 -13.38
C PHE A 40 -19.37 4.87 -13.97
N SER A 41 -20.36 5.44 -13.30
CA SER A 41 -21.04 6.63 -13.80
C SER A 41 -20.92 7.78 -12.81
N ARG A 42 -21.61 8.87 -13.15
CA ARG A 42 -21.73 10.04 -12.27
C ARG A 42 -22.27 9.69 -10.91
N THR A 43 -23.01 8.59 -10.77
CA THR A 43 -23.69 8.28 -9.53
C THR A 43 -22.72 7.87 -8.43
N ASN A 44 -21.57 7.29 -8.79
CA ASN A 44 -20.62 6.80 -7.79
C ASN A 44 -20.09 7.95 -6.94
N GLY A 45 -20.37 7.89 -5.64
CA GLY A 45 -19.85 8.88 -4.72
C GLY A 45 -20.25 10.30 -5.01
N PHE A 46 -21.41 10.52 -5.62
CA PHE A 46 -21.83 11.89 -5.92
C PHE A 46 -22.05 12.69 -4.64
N SER A 47 -22.44 12.02 -3.55
CA SER A 47 -22.70 12.73 -2.31
C SER A 47 -21.42 13.23 -1.64
N LEU A 48 -20.25 12.78 -2.08
CA LEU A 48 -18.99 13.30 -1.58
C LEU A 48 -18.30 14.27 -2.52
N LYS A 49 -18.62 14.22 -3.82
CA LYS A 49 -18.00 15.09 -4.81
C LYS A 49 -18.81 16.35 -5.03
N VAL A 50 -20.10 16.21 -5.34
CA VAL A 50 -20.96 17.37 -5.54
C VAL A 50 -21.02 18.17 -4.25
N LYS A 51 -21.05 19.50 -4.38
CA LYS A 51 -21.13 20.34 -3.20
C LYS A 51 -22.54 20.32 -2.64
N LEU A 52 -22.62 20.56 -1.32
CA LEU A 52 -23.77 20.12 -0.53
C LEU A 52 -25.09 20.71 -1.00
N GLU A 53 -25.07 21.91 -1.61
CA GLU A 53 -26.31 22.55 -1.99
C GLU A 53 -26.94 21.89 -3.21
N GLU A 54 -26.13 21.43 -4.15
CA GLU A 54 -26.65 20.90 -5.41
C GLU A 54 -27.09 19.44 -5.30
N GLN A 55 -26.75 18.75 -4.23
CA GLN A 55 -27.06 17.34 -4.08
C GLN A 55 -28.53 17.06 -3.82
N PRO A 56 -29.26 17.92 -3.07
CA PRO A 56 -30.72 17.80 -3.06
C PRO A 56 -31.31 17.68 -4.46
N GLN A 57 -30.80 18.49 -5.40
CA GLN A 57 -31.24 18.41 -6.79
C GLN A 57 -30.90 17.07 -7.43
N TRP A 58 -29.91 16.35 -6.89
CA TRP A 58 -29.50 15.07 -7.46
C TRP A 58 -30.40 13.93 -7.01
N ILE A 59 -30.77 13.92 -5.73
CA ILE A 59 -31.44 12.75 -5.17
C ILE A 59 -32.89 12.63 -5.64
N ASN A 60 -33.51 13.74 -6.07
CA ASN A 60 -34.87 13.66 -6.59
C ASN A 60 -34.90 12.81 -7.86
N ALA A 61 -34.05 13.16 -8.83
CA ALA A 61 -34.01 12.44 -10.11
C ALA A 61 -33.56 11.00 -9.93
N LEU A 62 -32.49 10.80 -9.15
CA LEU A 62 -32.10 9.44 -8.77
C LEU A 62 -33.26 8.71 -8.12
N GLY A 63 -34.03 9.40 -7.27
CA GLY A 63 -35.17 8.76 -6.63
C GLY A 63 -36.21 8.28 -7.61
N ASP A 64 -36.66 9.16 -8.51
CA ASP A 64 -37.64 8.77 -9.52
C ASP A 64 -37.10 7.68 -10.44
N PHE A 65 -35.80 7.73 -10.75
CA PHE A 65 -35.19 6.68 -11.54
C PHE A 65 -35.13 5.36 -10.78
N ILE A 66 -34.62 5.39 -9.54
CA ILE A 66 -34.58 4.17 -8.74
C ILE A 66 -35.97 3.73 -8.33
N GLN A 67 -36.96 4.64 -8.34
CA GLN A 67 -38.34 4.22 -8.11
C GLN A 67 -38.85 3.29 -9.21
N ALA A 68 -38.27 3.39 -10.42
CA ALA A 68 -38.75 2.61 -11.54
C ALA A 68 -38.30 1.16 -11.49
N VAL A 69 -37.20 0.85 -10.80
CA VAL A 69 -36.72 -0.52 -10.72
C VAL A 69 -37.38 -1.20 -9.53
N PRO A 70 -37.85 -2.43 -9.68
CA PRO A 70 -38.59 -3.08 -8.59
C PRO A 70 -37.72 -3.35 -7.38
N GLU A 71 -38.36 -3.36 -6.21
CA GLU A 71 -37.67 -3.74 -4.98
C GLU A 71 -37.17 -5.17 -5.01
N ARG A 72 -37.75 -6.02 -5.85
CA ARG A 72 -37.27 -7.39 -6.06
C ARG A 72 -35.77 -7.42 -6.36
N VAL A 73 -35.29 -6.46 -7.15
CA VAL A 73 -33.97 -6.58 -7.75
C VAL A 73 -32.83 -6.30 -6.78
N ASP A 74 -33.10 -5.64 -5.65
CA ASP A 74 -32.07 -5.32 -4.68
C ASP A 74 -31.41 -6.55 -4.05
N ALA A 75 -31.87 -7.76 -4.38
CA ALA A 75 -31.27 -8.97 -3.84
C ALA A 75 -30.18 -9.55 -4.74
N LEU A 76 -30.27 -9.33 -6.05
CA LEU A 76 -29.26 -9.80 -6.98
C LEU A 76 -28.18 -8.78 -7.28
N VAL A 77 -28.37 -7.52 -6.89
CA VAL A 77 -27.35 -6.50 -7.12
C VAL A 77 -26.25 -6.63 -6.06
N MET A 78 -25.10 -6.01 -6.34
CA MET A 78 -23.98 -6.01 -5.41
C MET A 78 -24.41 -5.52 -4.03
N SER A 79 -23.99 -6.25 -2.99
CA SER A 79 -24.60 -6.10 -1.67
C SER A 79 -24.46 -4.69 -1.13
N LYS A 80 -23.34 -4.02 -1.41
CA LYS A 80 -23.10 -2.70 -0.83
C LYS A 80 -23.98 -1.62 -1.44
N LEU A 81 -24.76 -1.92 -2.47
CA LEU A 81 -25.64 -0.94 -3.08
C LEU A 81 -27.05 -0.94 -2.49
N ARG A 82 -27.44 -2.00 -1.80
CA ARG A 82 -28.78 -2.07 -1.20
C ARG A 82 -29.12 -0.85 -0.35
N PRO A 83 -28.25 -0.32 0.51
CA PRO A 83 -28.61 0.91 1.23
C PRO A 83 -28.82 2.11 0.31
N LEU A 84 -28.03 2.24 -0.76
CA LEU A 84 -28.16 3.41 -1.62
C LEU A 84 -29.40 3.33 -2.49
N LEU A 85 -29.78 2.13 -2.92
CA LEU A 85 -31.05 1.97 -3.62
C LEU A 85 -32.21 2.32 -2.71
N HIS A 86 -32.12 1.94 -1.43
CA HIS A 86 -33.21 2.19 -0.49
C HIS A 86 -33.38 3.68 -0.22
N TYR A 87 -32.29 4.37 0.13
CA TYR A 87 -32.36 5.81 0.36
C TYR A 87 -32.56 6.59 -0.94
N ALA A 88 -32.35 5.97 -2.10
CA ALA A 88 -32.69 6.63 -3.36
C ALA A 88 -34.20 6.76 -3.52
N ARG A 89 -34.92 5.63 -3.43
CA ARG A 89 -36.38 5.67 -3.50
C ARG A 89 -36.95 6.58 -2.41
N ALA A 90 -36.32 6.59 -1.24
CA ALA A 90 -36.75 7.45 -0.15
C ALA A 90 -36.27 8.88 -0.30
N LYS A 91 -35.47 9.17 -1.32
CA LYS A 91 -34.90 10.49 -1.58
C LYS A 91 -34.37 11.11 -0.29
N ASP A 92 -33.54 10.32 0.39
CA ASP A 92 -32.99 10.62 1.71
C ASP A 92 -31.48 10.78 1.54
N ILE A 93 -31.03 12.03 1.39
CA ILE A 93 -29.62 12.26 1.10
C ILE A 93 -28.79 12.57 2.34
N ASP A 94 -29.43 12.87 3.47
CA ASP A 94 -28.68 12.86 4.73
C ASP A 94 -28.16 11.46 5.02
N ASN A 95 -28.99 10.45 4.76
CA ASN A 95 -28.57 9.06 4.93
C ASN A 95 -27.82 8.53 3.72
N TYR A 96 -28.17 8.99 2.50
CA TYR A 96 -27.44 8.55 1.32
C TYR A 96 -25.96 8.93 1.43
N ARG A 97 -25.67 10.19 1.77
CA ARG A 97 -24.28 10.58 1.94
C ARG A 97 -23.66 9.82 3.11
N THR A 98 -24.38 9.73 4.23
CA THR A 98 -23.89 8.97 5.39
C THR A 98 -23.40 7.58 4.97
N VAL A 99 -24.14 6.91 4.10
CA VAL A 99 -23.73 5.58 3.64
C VAL A 99 -22.44 5.68 2.83
N GLU A 100 -22.44 6.48 1.76
CA GLU A 100 -21.24 6.69 0.98
C GLU A 100 -20.10 7.21 1.85
N GLU A 101 -20.40 8.17 2.74
CA GLU A 101 -19.43 8.50 3.77
C GLU A 101 -19.06 7.28 4.60
N SER A 102 -20.05 6.50 5.05
CA SER A 102 -19.71 5.39 5.94
C SER A 102 -18.77 4.38 5.29
N TYR A 103 -18.84 4.21 3.96
CA TYR A 103 -17.99 3.19 3.32
C TYR A 103 -16.53 3.62 3.28
N ARG A 104 -16.26 4.93 3.20
CA ARG A 104 -14.89 5.41 2.96
C ARG A 104 -13.95 5.06 4.12
N GLN A 105 -14.38 5.33 5.37
CA GLN A 105 -13.50 5.06 6.52
C GLN A 105 -13.94 3.86 7.35
N GLY A 106 -15.15 3.36 7.15
CA GLY A 106 -15.60 2.27 7.97
C GLY A 106 -16.05 2.73 9.34
N GLN A 107 -16.80 3.82 9.36
CA GLN A 107 -17.35 4.44 10.57
C GLN A 107 -18.86 4.42 10.42
N TYR A 108 -19.49 3.46 11.07
CA TYR A 108 -20.93 3.30 11.05
C TYR A 108 -21.48 3.65 12.43
N TYR A 109 -22.71 4.16 12.44
CA TYR A 109 -23.39 4.42 13.72
C TYR A 109 -23.44 3.15 14.55
N ARG A 110 -23.91 2.06 13.94
CA ARG A 110 -23.93 0.74 14.56
C ARG A 110 -23.56 -0.29 13.50
N PHE A 111 -22.83 -1.33 13.91
CA PHE A 111 -22.44 -2.39 12.98
C PHE A 111 -21.88 -3.56 13.78
N ASP A 112 -21.74 -4.69 13.08
CA ASP A 112 -20.95 -5.84 13.52
C ASP A 112 -20.84 -6.78 12.32
N ILE A 113 -19.90 -7.73 12.41
CA ILE A 113 -19.64 -8.66 11.32
C ILE A 113 -20.37 -9.96 11.58
N VAL A 114 -20.83 -10.58 10.50
CA VAL A 114 -21.51 -11.88 10.55
C VAL A 114 -21.13 -12.64 9.27
N ASP A 115 -20.52 -13.81 9.44
CA ASP A 115 -20.05 -14.64 8.32
C ASP A 115 -19.05 -13.89 7.44
N GLY A 116 -18.23 -13.03 8.02
CA GLY A 116 -17.30 -12.25 7.23
C GLY A 116 -17.96 -11.17 6.40
N LYS A 117 -19.13 -10.69 6.82
CA LYS A 117 -19.86 -9.66 6.11
C LYS A 117 -20.45 -8.69 7.12
N LEU A 118 -20.73 -7.47 6.65
CA LEU A 118 -21.16 -6.38 7.52
C LEU A 118 -22.68 -6.31 7.62
N ASN A 119 -23.16 -6.06 8.84
CA ASN A 119 -24.54 -5.66 9.09
C ASN A 119 -24.50 -4.26 9.69
N ILE A 120 -25.09 -3.30 8.99
CA ILE A 120 -24.88 -1.89 9.28
C ILE A 120 -26.22 -1.18 9.49
N GLN A 121 -26.30 -0.40 10.58
CA GLN A 121 -27.33 0.63 10.73
C GLN A 121 -26.64 1.97 10.67
N PHE A 122 -27.00 2.79 9.68
CA PHE A 122 -26.21 3.97 9.38
C PHE A 122 -26.56 5.15 10.27
N ASN A 123 -27.78 5.23 10.77
CA ASN A 123 -28.18 6.30 11.68
C ASN A 123 -29.17 5.76 12.70
N GLU A 124 -29.37 6.51 13.77
CA GLU A 124 -30.25 6.07 14.85
C GLU A 124 -31.68 5.95 14.35
N GLY A 125 -32.30 4.80 14.63
CA GLY A 125 -33.66 4.54 14.25
C GLY A 125 -33.84 3.93 12.88
N GLU A 126 -32.81 3.93 12.04
CA GLU A 126 -32.90 3.41 10.69
C GLU A 126 -32.73 1.89 10.70
N PRO A 127 -33.22 1.19 9.67
CA PRO A 127 -33.07 -0.27 9.64
C PRO A 127 -31.62 -0.71 9.56
N TYR A 128 -31.43 -2.01 9.77
CA TYR A 128 -30.15 -2.67 9.57
C TYR A 128 -30.14 -3.33 8.20
N PHE A 129 -29.20 -2.94 7.35
CA PHE A 129 -28.93 -3.65 6.10
C PHE A 129 -27.88 -4.71 6.37
N GLU A 130 -28.18 -5.96 6.01
CA GLU A 130 -27.39 -7.09 6.44
C GLU A 130 -26.70 -7.78 5.26
N GLY A 131 -25.51 -8.31 5.52
CA GLY A 131 -24.79 -9.10 4.55
C GLY A 131 -24.04 -8.31 3.49
N ILE A 132 -23.32 -7.27 3.89
CA ILE A 132 -22.63 -6.39 2.96
C ILE A 132 -21.19 -6.88 2.80
N ASP A 133 -20.82 -7.22 1.57
CA ASP A 133 -19.47 -7.72 1.28
C ASP A 133 -18.42 -6.66 1.61
N ILE A 134 -17.20 -7.11 1.85
CA ILE A 134 -16.07 -6.24 2.15
C ILE A 134 -15.15 -6.23 0.95
N ALA A 135 -15.04 -5.07 0.30
CA ALA A 135 -14.19 -4.89 -0.87
C ALA A 135 -12.73 -4.74 -0.45
N LYS A 136 -11.83 -4.88 -1.43
CA LYS A 136 -10.42 -4.80 -1.15
C LYS A 136 -10.04 -3.37 -0.75
N PRO A 137 -9.20 -3.19 0.28
CA PRO A 137 -8.78 -1.84 0.66
C PRO A 137 -7.86 -1.23 -0.38
N LYS A 138 -7.97 0.08 -0.52
CA LYS A 138 -7.00 0.85 -1.30
C LYS A 138 -5.81 1.17 -0.42
N VAL A 139 -4.60 0.97 -0.95
CA VAL A 139 -3.37 1.16 -0.20
C VAL A 139 -2.50 2.18 -0.93
N LYS A 140 -1.95 3.13 -0.18
CA LYS A 140 -0.98 4.06 -0.71
C LYS A 140 0.29 3.96 0.13
N MET A 141 1.44 3.81 -0.54
CA MET A 141 2.72 3.76 0.15
C MET A 141 3.15 5.18 0.45
N THR A 142 2.90 5.64 1.68
CA THR A 142 3.14 7.04 2.03
C THR A 142 4.55 7.32 2.54
N ALA A 143 5.34 6.29 2.84
CA ALA A 143 6.75 6.48 3.15
C ALA A 143 7.54 5.24 2.75
N PHE A 144 8.79 5.45 2.35
CA PHE A 144 9.70 4.33 2.10
C PHE A 144 11.13 4.83 2.26
N LYS A 145 11.78 4.44 3.36
CA LYS A 145 13.19 4.73 3.61
C LYS A 145 13.94 3.44 3.88
N PHE A 146 15.24 3.44 3.58
CA PHE A 146 16.02 2.24 3.82
C PHE A 146 17.50 2.58 3.86
N ASP A 147 18.27 1.67 4.47
CA ASP A 147 19.72 1.73 4.50
C ASP A 147 20.23 0.30 4.61
N ASN A 148 21.51 0.14 4.92
CA ASN A 148 22.10 -1.19 5.05
C ASN A 148 21.66 -1.93 6.31
N HIS A 149 20.80 -1.32 7.12
CA HIS A 149 20.37 -1.87 8.40
C HIS A 149 18.90 -2.22 8.46
N LYS A 150 18.03 -1.42 7.84
CA LYS A 150 16.61 -1.73 7.85
C LYS A 150 15.90 -0.98 6.73
N ILE A 151 14.69 -1.46 6.44
CA ILE A 151 13.74 -0.77 5.57
C ILE A 151 12.58 -0.29 6.42
N VAL A 152 12.20 0.97 6.27
CA VAL A 152 11.04 1.53 6.95
C VAL A 152 10.05 1.97 5.88
N THR A 153 8.87 1.35 5.88
CA THR A 153 7.84 1.71 4.91
C THR A 153 6.52 1.91 5.62
N GLU A 154 5.78 2.92 5.17
CA GLU A 154 4.48 3.26 5.72
C GLU A 154 3.43 3.05 4.63
N LEU A 155 2.42 2.25 4.94
CA LEU A 155 1.31 1.99 4.04
C LEU A 155 0.04 2.57 4.64
N THR A 156 -0.65 3.41 3.87
CA THR A 156 -1.86 4.08 4.33
C THR A 156 -3.07 3.50 3.61
N LEU A 157 -4.02 2.96 4.38
CA LEU A 157 -5.30 2.51 3.84
C LEU A 157 -6.18 3.74 3.65
N ASN A 158 -6.27 4.23 2.42
CA ASN A 158 -7.07 5.42 2.16
C ASN A 158 -8.57 5.12 2.24
N GLU A 159 -8.98 3.95 1.74
CA GLU A 159 -10.38 3.57 1.77
C GLU A 159 -10.51 2.12 2.18
N PHE A 160 -11.40 1.87 3.13
CA PHE A 160 -11.64 0.53 3.66
C PHE A 160 -12.98 0.59 4.41
N MET A 161 -13.87 -0.35 4.10
CA MET A 161 -15.21 -0.31 4.65
C MET A 161 -15.27 -0.79 6.09
N ILE A 162 -14.15 -0.88 6.79
CA ILE A 162 -14.15 -1.33 8.17
C ILE A 162 -13.10 -0.57 8.95
N GLY A 163 -13.48 -0.09 10.14
CA GLY A 163 -12.62 0.77 10.92
C GLY A 163 -11.45 0.04 11.56
N GLU A 164 -10.51 0.85 12.02
CA GLU A 164 -9.30 0.37 12.66
C GLU A 164 -9.62 -0.55 13.83
N GLY A 165 -8.81 -1.60 13.99
CA GLY A 165 -8.85 -2.44 15.17
C GLY A 165 -9.52 -3.79 14.98
N HIS A 166 -10.36 -3.95 13.96
CA HIS A 166 -11.09 -5.19 13.75
C HIS A 166 -10.44 -6.08 12.71
N TYR A 167 -9.30 -5.66 12.15
CA TYR A 167 -8.56 -6.46 11.19
C TYR A 167 -7.10 -6.45 11.56
N ASP A 168 -6.35 -7.40 11.01
CA ASP A 168 -4.91 -7.47 11.17
C ASP A 168 -4.24 -7.23 9.83
N VAL A 169 -3.02 -6.68 9.87
CA VAL A 169 -2.24 -6.42 8.68
C VAL A 169 -0.83 -6.93 8.89
N ARG A 170 -0.24 -7.48 7.83
CA ARG A 170 1.16 -7.85 7.81
C ARG A 170 1.74 -7.42 6.47
N LEU A 171 3.04 -7.19 6.44
CA LEU A 171 3.74 -6.91 5.19
C LEU A 171 4.23 -8.22 4.60
N LYS A 172 3.93 -8.45 3.33
CA LYS A 172 4.24 -9.71 2.68
C LYS A 172 5.25 -9.49 1.57
N LEU A 173 6.35 -10.24 1.62
CA LEU A 173 7.28 -10.36 0.51
C LEU A 173 6.99 -11.69 -0.19
N HIS A 174 6.70 -11.64 -1.47
CA HIS A 174 6.34 -12.83 -2.25
C HIS A 174 7.28 -12.92 -3.42
N SER A 175 8.01 -14.04 -3.52
CA SER A 175 8.90 -14.22 -4.66
C SER A 175 8.10 -14.25 -5.94
N ARG A 176 8.72 -13.82 -7.04
CA ARG A 176 7.99 -13.70 -8.30
C ARG A 176 7.40 -15.04 -8.72
N ASN A 177 8.11 -16.14 -8.45
CA ASN A 177 7.59 -17.46 -8.79
C ASN A 177 6.62 -18.01 -7.75
N LYS A 178 6.17 -17.16 -6.81
CA LYS A 178 5.23 -17.53 -5.75
C LYS A 178 5.74 -18.63 -4.82
N LYS A 179 6.99 -19.06 -4.96
CA LYS A 179 7.45 -20.22 -4.19
C LYS A 179 7.79 -19.86 -2.75
N HIS A 180 8.36 -18.69 -2.51
CA HIS A 180 8.82 -18.34 -1.18
C HIS A 180 8.19 -17.03 -0.73
N THR A 181 8.15 -16.86 0.59
CA THR A 181 7.32 -15.86 1.21
C THR A 181 8.00 -15.34 2.46
N MET A 182 7.80 -14.06 2.76
CA MET A 182 8.25 -13.47 4.02
C MET A 182 7.13 -12.58 4.55
N TYR A 183 6.89 -12.66 5.85
CA TYR A 183 5.87 -11.85 6.51
C TYR A 183 6.53 -11.04 7.61
N VAL A 184 6.31 -9.74 7.60
CA VAL A 184 6.88 -8.81 8.57
C VAL A 184 5.74 -8.26 9.42
N PRO A 185 5.81 -8.39 10.75
CA PRO A 185 4.75 -7.85 11.60
C PRO A 185 4.72 -6.33 11.60
N LEU A 186 3.54 -5.80 11.95
CA LEU A 186 3.37 -4.36 12.10
C LEU A 186 4.21 -3.84 13.25
N SER A 187 4.92 -2.72 13.03
CA SER A 187 5.74 -2.12 14.08
C SER A 187 4.97 -1.10 14.91
N VAL A 188 4.12 -0.31 14.27
CA VAL A 188 3.29 0.70 14.91
C VAL A 188 2.28 1.16 13.88
N ASN A 189 1.11 1.62 14.32
CA ASN A 189 0.19 2.26 13.39
C ASN A 189 -0.44 3.47 14.03
N ALA A 190 -0.57 4.53 13.24
CA ALA A 190 -1.22 5.77 13.63
C ALA A 190 -2.45 5.92 12.75
N ASN A 191 -3.63 5.71 13.34
CA ASN A 191 -4.89 5.61 12.60
C ASN A 191 -4.68 4.55 11.52
N LYS A 192 -4.94 4.84 10.25
CA LYS A 192 -4.76 3.86 9.18
C LYS A 192 -3.43 4.02 8.45
N GLN A 193 -2.42 4.55 9.14
CA GLN A 193 -1.05 4.57 8.63
C GLN A 193 -0.29 3.46 9.33
N TYR A 194 0.17 2.47 8.56
CA TYR A 194 0.79 1.27 9.11
C TYR A 194 2.27 1.24 8.75
N ARG A 195 3.12 1.22 9.78
CA ARG A 195 4.58 1.34 9.62
C ARG A 195 5.24 0.01 9.90
N PHE A 196 6.12 -0.42 8.99
CA PHE A 196 6.83 -1.69 9.12
C PHE A 196 8.32 -1.42 9.11
N ASN A 197 9.02 -1.90 10.15
CA ASN A 197 10.47 -1.93 10.20
C ASN A 197 10.92 -3.31 9.75
N ILE A 198 11.55 -3.40 8.59
CA ILE A 198 12.07 -4.64 8.05
C ILE A 198 13.56 -4.67 8.33
N MET A 199 13.95 -5.37 9.39
CA MET A 199 15.36 -5.48 9.78
C MET A 199 16.06 -6.46 8.86
N LEU A 200 17.09 -5.99 8.16
CA LEU A 200 17.77 -6.85 7.18
C LEU A 200 18.47 -8.03 7.85
N GLU A 201 18.88 -7.89 9.12
CA GLU A 201 19.39 -9.05 9.85
C GLU A 201 18.33 -10.12 10.00
N ASP A 202 17.04 -9.75 10.04
CA ASP A 202 15.97 -10.73 10.15
C ASP A 202 15.70 -11.44 8.83
N ILE A 203 15.90 -10.77 7.70
CA ILE A 203 15.55 -11.32 6.39
C ILE A 203 16.76 -11.74 5.56
N LYS A 204 17.97 -11.51 6.06
CA LYS A 204 19.18 -11.87 5.31
C LYS A 204 19.22 -13.36 4.98
N ALA A 205 18.80 -14.21 5.91
CA ALA A 205 18.92 -15.66 5.70
C ALA A 205 17.94 -16.16 4.64
N TYR A 206 16.85 -15.44 4.40
CA TYR A 206 15.80 -15.90 3.50
C TYR A 206 15.87 -15.26 2.12
N LEU A 207 16.47 -14.08 1.99
CA LEU A 207 16.57 -13.40 0.71
C LEU A 207 17.28 -14.20 -0.39
N PRO A 208 18.37 -14.93 -0.14
CA PRO A 208 19.09 -15.57 -1.25
C PRO A 208 18.26 -16.58 -2.05
N LYS A 209 17.10 -16.99 -1.54
CA LYS A 209 16.34 -18.05 -2.22
C LYS A 209 15.86 -17.60 -3.59
N GLU A 210 15.56 -16.32 -3.75
CA GLU A 210 15.04 -15.80 -5.01
C GLU A 210 15.58 -14.40 -5.24
N LYS A 211 15.54 -13.96 -6.50
CA LYS A 211 16.06 -12.65 -6.83
C LYS A 211 14.99 -11.57 -6.71
N ILE A 212 13.76 -11.88 -7.10
CA ILE A 212 12.68 -10.90 -7.16
C ILE A 212 11.71 -11.16 -6.02
N TRP A 213 11.50 -10.14 -5.19
CA TRP A 213 10.57 -10.18 -4.07
C TRP A 213 9.56 -9.05 -4.27
N ASP A 214 8.30 -9.41 -4.49
CA ASP A 214 7.25 -8.42 -4.68
C ASP A 214 6.59 -8.11 -3.35
N VAL A 215 6.20 -6.85 -3.18
CA VAL A 215 5.67 -6.37 -1.89
C VAL A 215 4.15 -6.38 -1.93
N PHE A 216 3.56 -7.07 -0.96
CA PHE A 216 2.11 -7.08 -0.76
C PHE A 216 1.80 -6.62 0.66
N LEU A 217 0.58 -6.12 0.85
CA LEU A 217 0.01 -5.94 2.18
C LEU A 217 -1.10 -6.95 2.37
N GLU A 218 -0.96 -7.80 3.38
CA GLU A 218 -1.98 -8.77 3.73
C GLU A 218 -2.89 -8.17 4.79
N VAL A 219 -4.21 -8.28 4.56
CA VAL A 219 -5.22 -7.75 5.47
C VAL A 219 -6.19 -8.87 5.79
N GLN A 220 -6.23 -9.27 7.06
CA GLN A 220 -6.99 -10.44 7.49
C GLN A 220 -8.17 -10.01 8.35
N ILE A 221 -9.35 -10.53 8.03
CA ILE A 221 -10.59 -10.25 8.77
C ILE A 221 -11.12 -11.61 9.22
N GLY A 222 -10.75 -12.03 10.43
CA GLY A 222 -11.09 -13.36 10.87
C GLY A 222 -10.30 -14.40 10.09
N THR A 223 -10.87 -14.86 8.97
CA THR A 223 -10.17 -15.77 8.07
C THR A 223 -10.27 -15.39 6.60
N GLU A 224 -10.95 -14.29 6.27
CA GLU A 224 -10.99 -13.78 4.90
C GLU A 224 -9.77 -12.90 4.68
N VAL A 225 -8.94 -13.26 3.71
CA VAL A 225 -7.63 -12.63 3.52
C VAL A 225 -7.64 -11.85 2.21
N PHE A 226 -7.20 -10.59 2.28
CA PHE A 226 -6.94 -9.78 1.10
C PHE A 226 -5.44 -9.71 0.86
N GLU A 227 -5.06 -9.88 -0.40
CA GLU A 227 -3.67 -9.70 -0.84
C GLU A 227 -3.64 -8.46 -1.71
N VAL A 228 -3.08 -7.37 -1.20
CA VAL A 228 -3.06 -6.10 -1.92
C VAL A 228 -1.62 -5.83 -2.36
N ARG A 229 -1.40 -5.81 -3.68
CA ARG A 229 -0.11 -5.46 -4.23
C ARG A 229 0.08 -3.95 -4.10
N VAL A 230 1.25 -3.53 -3.63
CA VAL A 230 1.43 -2.14 -3.24
C VAL A 230 2.53 -1.49 -4.07
N GLY A 231 2.44 -0.17 -4.20
CA GLY A 231 3.47 0.61 -4.85
C GLY A 231 2.94 1.57 -5.91
N ASN A 232 1.89 1.16 -6.62
CA ASN A 232 1.41 1.97 -7.75
C ASN A 232 0.76 3.26 -7.29
N GLN A 233 0.25 3.30 -6.05
CA GLN A 233 -0.15 4.55 -5.40
C GLN A 233 0.88 4.82 -4.31
N ARG A 234 1.52 5.99 -4.37
CA ARG A 234 2.61 6.26 -3.44
C ARG A 234 2.91 7.75 -3.45
N ASN A 235 3.53 8.20 -2.37
CA ASN A 235 4.25 9.46 -2.42
C ASN A 235 5.51 9.29 -3.26
N LYS A 236 6.07 10.42 -3.68
CA LYS A 236 7.23 10.38 -4.57
C LYS A 236 8.37 9.60 -3.92
N TYR A 237 8.89 8.61 -4.64
CA TYR A 237 10.00 7.80 -4.15
C TYR A 237 11.21 8.69 -3.87
N ALA A 238 11.80 8.52 -2.70
CA ALA A 238 12.74 9.51 -2.17
C ALA A 238 14.16 9.35 -2.70
N TYR A 239 14.45 8.30 -3.47
CA TYR A 239 15.80 8.05 -3.96
C TYR A 239 15.83 8.02 -5.48
N THR A 240 17.01 8.28 -6.04
CA THR A 240 17.26 8.00 -7.44
C THR A 240 17.08 6.51 -7.71
N ALA A 241 16.57 6.19 -8.89
CA ALA A 241 16.37 4.80 -9.26
C ALA A 241 17.67 4.02 -9.14
N GLU A 242 17.55 2.75 -8.75
CA GLU A 242 18.63 1.79 -8.56
C GLU A 242 19.44 2.02 -7.29
N THR A 243 19.10 3.03 -6.47
CA THR A 243 19.71 3.17 -5.16
C THR A 243 19.53 1.89 -4.36
N SER A 244 20.62 1.40 -3.75
CA SER A 244 20.67 0.06 -3.18
C SER A 244 21.20 0.10 -1.75
N ALA A 245 21.11 -1.05 -1.09
CA ALA A 245 21.66 -1.30 0.22
C ALA A 245 22.63 -2.47 0.14
N LEU A 246 23.77 -2.34 0.81
CA LEU A 246 24.80 -3.37 0.81
C LEU A 246 24.48 -4.41 1.87
N ILE A 247 24.52 -5.69 1.49
CA ILE A 247 24.24 -6.81 2.37
C ILE A 247 25.44 -7.75 2.33
N HIS A 248 25.82 -8.27 3.50
CA HIS A 248 26.95 -9.17 3.64
C HIS A 248 26.46 -10.49 4.20
N LEU A 249 26.79 -11.58 3.51
CA LEU A 249 26.17 -12.86 3.82
C LEU A 249 27.13 -13.97 3.45
N ASN A 250 27.63 -14.70 4.44
CA ASN A 250 28.53 -15.84 4.25
C ASN A 250 29.69 -15.47 3.32
N ASN A 251 30.46 -14.47 3.77
CA ASN A 251 31.67 -13.97 3.11
C ASN A 251 31.39 -13.30 1.76
N ASP A 252 30.14 -13.25 1.31
CA ASP A 252 29.79 -12.72 0.00
C ASP A 252 29.00 -11.43 0.14
N PHE A 253 29.08 -10.60 -0.89
CA PHE A 253 28.41 -9.31 -0.90
C PHE A 253 27.25 -9.30 -1.89
N TYR A 254 26.18 -8.60 -1.53
CA TYR A 254 24.98 -8.51 -2.33
C TYR A 254 24.45 -7.09 -2.28
N ARG A 255 23.61 -6.76 -3.25
CA ARG A 255 22.85 -5.52 -3.23
C ARG A 255 21.37 -5.85 -3.13
N LEU A 256 20.66 -5.06 -2.32
CA LEU A 256 19.20 -5.10 -2.24
C LEU A 256 18.71 -3.80 -2.87
N THR A 257 17.99 -3.91 -3.98
CA THR A 257 17.63 -2.76 -4.79
C THR A 257 16.11 -2.65 -4.90
N PRO A 258 15.49 -1.68 -4.24
CA PRO A 258 14.07 -1.41 -4.51
C PRO A 258 13.90 -0.87 -5.92
N TYR A 259 12.77 -1.22 -6.54
CA TYR A 259 12.46 -0.71 -7.87
C TYR A 259 10.97 -0.90 -8.11
N PHE A 260 10.50 -0.34 -9.21
CA PHE A 260 9.09 -0.33 -9.56
C PHE A 260 8.89 -1.08 -10.88
N THR A 261 7.87 -1.93 -10.92
CA THR A 261 7.70 -2.82 -12.04
C THR A 261 7.18 -2.07 -13.25
N LYS A 262 7.45 -2.65 -14.43
CA LYS A 262 7.14 -2.00 -15.69
C LYS A 262 5.65 -2.02 -15.98
N ASP A 263 4.98 -3.15 -15.70
CA ASP A 263 3.60 -3.32 -16.14
C ASP A 263 2.62 -2.52 -15.31
N PHE A 264 2.77 -2.51 -13.98
CA PHE A 264 1.79 -1.86 -13.11
C PHE A 264 2.41 -0.94 -12.07
N ASN A 265 3.70 -0.65 -12.17
CA ASN A 265 4.33 0.40 -11.35
C ASN A 265 4.27 0.07 -9.86
N ASN A 266 4.33 -1.21 -9.50
CA ASN A 266 4.38 -1.65 -8.11
C ASN A 266 5.81 -1.86 -7.67
N ILE A 267 6.02 -1.83 -6.36
CA ILE A 267 7.38 -1.84 -5.82
C ILE A 267 7.80 -3.27 -5.50
N SER A 268 9.05 -3.59 -5.83
CA SER A 268 9.61 -4.90 -5.57
C SER A 268 11.05 -4.73 -5.08
N LEU A 269 11.64 -5.83 -4.60
CA LEU A 269 13.01 -5.84 -4.11
C LEU A 269 13.84 -6.81 -4.93
N TYR A 270 14.94 -6.33 -5.49
CA TYR A 270 15.86 -7.13 -6.29
C TYR A 270 17.09 -7.44 -5.46
N PHE A 271 17.40 -8.73 -5.32
CA PHE A 271 18.52 -9.22 -4.51
C PHE A 271 19.46 -10.01 -5.42
N THR A 272 20.71 -9.56 -5.52
CA THR A 272 21.66 -10.21 -6.41
C THR A 272 23.09 -9.97 -5.91
N ALA A 273 23.98 -10.85 -6.32
CA ALA A 273 25.38 -10.79 -5.90
C ALA A 273 26.11 -9.63 -6.58
N ILE A 274 27.15 -9.14 -5.90
CA ILE A 274 28.03 -8.12 -6.46
C ILE A 274 29.46 -8.48 -6.07
N THR A 275 30.41 -7.81 -6.72
CA THR A 275 31.81 -7.79 -6.31
C THR A 275 32.08 -6.41 -5.73
N LEU A 276 32.40 -6.36 -4.43
CA LEU A 276 32.43 -5.08 -3.72
C LEU A 276 33.33 -4.07 -4.42
N THR A 277 34.53 -4.50 -4.82
CA THR A 277 35.45 -3.54 -5.41
C THR A 277 35.06 -3.13 -6.82
N ASP A 278 34.16 -3.86 -7.47
CA ASP A 278 33.60 -3.42 -8.75
C ASP A 278 32.45 -2.44 -8.59
N SER A 279 31.82 -2.38 -7.42
CA SER A 279 30.63 -1.57 -7.22
C SER A 279 30.86 -0.34 -6.36
N ILE A 280 31.79 -0.41 -5.42
CA ILE A 280 31.99 0.65 -4.43
C ILE A 280 33.49 0.87 -4.28
N SER A 281 33.92 2.12 -4.42
CA SER A 281 35.32 2.47 -4.21
C SER A 281 35.47 3.03 -2.81
N MET A 282 36.65 2.82 -2.24
CA MET A 282 36.99 3.32 -0.91
C MET A 282 38.28 4.11 -1.04
N LYS A 283 38.23 5.40 -0.68
CA LYS A 283 39.39 6.27 -0.82
C LYS A 283 39.55 7.13 0.43
N LEU A 284 40.76 7.65 0.59
CA LEU A 284 41.10 8.53 1.70
C LEU A 284 41.01 9.97 1.24
N LYS A 285 40.29 10.79 2.00
CA LYS A 285 40.17 12.21 1.74
C LYS A 285 40.74 12.97 2.93
N GLY A 286 41.73 13.82 2.67
CA GLY A 286 42.48 14.40 3.77
C GLY A 286 43.26 13.33 4.49
N LYS A 287 43.29 13.41 5.82
CA LYS A 287 43.93 12.39 6.63
C LYS A 287 42.97 11.67 7.56
N ASN A 288 41.71 12.08 7.64
CA ASN A 288 40.81 11.53 8.65
C ASN A 288 39.43 11.19 8.08
N LYS A 289 39.29 11.08 6.75
CA LYS A 289 37.99 10.85 6.13
C LYS A 289 38.09 9.73 5.12
N ILE A 290 37.21 8.74 5.26
CA ILE A 290 37.08 7.64 4.31
C ILE A 290 35.82 7.87 3.50
N ILE A 291 35.94 7.77 2.18
CA ILE A 291 34.85 8.07 1.26
C ILE A 291 34.46 6.80 0.53
N LEU A 292 33.19 6.41 0.64
CA LEU A 292 32.65 5.29 -0.11
C LEU A 292 31.82 5.86 -1.25
N THR A 293 32.16 5.48 -2.48
CA THR A 293 31.48 5.98 -3.67
C THR A 293 30.82 4.84 -4.41
N GLY A 294 29.51 4.92 -4.59
CA GLY A 294 28.81 3.99 -5.46
C GLY A 294 29.13 4.31 -6.91
N LEU A 295 29.71 3.35 -7.63
CA LEU A 295 30.18 3.63 -8.99
C LEU A 295 29.04 3.60 -9.99
N ASP A 296 28.16 2.60 -9.91
CA ASP A 296 27.07 2.44 -10.86
C ASP A 296 25.73 2.88 -10.31
N ARG A 297 25.60 2.94 -8.99
CA ARG A 297 24.34 3.27 -8.34
C ARG A 297 24.67 3.76 -6.94
N GLY A 298 23.75 4.47 -6.33
CA GLY A 298 23.94 4.91 -4.97
C GLY A 298 23.73 3.78 -3.98
N TYR A 299 24.48 3.83 -2.88
CA TYR A 299 24.32 2.93 -1.75
C TYR A 299 24.06 3.75 -0.50
N VAL A 300 22.98 3.43 0.21
CA VAL A 300 22.58 4.17 1.40
C VAL A 300 23.01 3.37 2.63
N PHE A 301 23.70 4.04 3.54
CA PHE A 301 24.15 3.44 4.79
C PHE A 301 23.52 4.19 5.95
N GLU A 302 23.33 3.49 7.06
CA GLU A 302 22.81 4.12 8.26
C GLU A 302 23.82 5.12 8.82
N GLU A 303 23.36 6.32 9.11
CA GLU A 303 24.25 7.33 9.65
C GLU A 303 24.46 7.10 11.15
N GLY A 304 25.62 7.55 11.64
CA GLY A 304 25.94 7.41 13.04
C GLY A 304 27.31 6.82 13.26
N MET A 305 27.50 6.16 14.40
CA MET A 305 28.81 5.62 14.75
C MET A 305 29.25 4.54 13.77
N ALA A 306 30.55 4.51 13.51
CA ALA A 306 31.14 3.54 12.61
C ALA A 306 32.59 3.33 13.05
N SER A 307 33.21 2.29 12.51
CA SER A 307 34.60 2.02 12.84
C SER A 307 35.24 1.26 11.69
N VAL A 308 36.57 1.41 11.58
CA VAL A 308 37.38 0.63 10.67
C VAL A 308 38.38 -0.16 11.50
N VAL A 309 38.56 -1.43 11.14
CA VAL A 309 39.37 -2.37 11.91
C VAL A 309 40.57 -2.75 11.06
N LEU A 310 41.76 -2.59 11.62
CA LEU A 310 42.98 -3.14 11.06
C LEU A 310 43.38 -4.38 11.84
N LYS A 311 44.42 -5.06 11.36
CA LYS A 311 44.79 -6.34 11.95
C LYS A 311 45.32 -6.20 13.37
N ASP A 312 45.81 -5.03 13.75
CA ASP A 312 46.24 -4.81 15.13
C ASP A 312 45.84 -3.42 15.63
N ASP A 313 44.78 -2.84 15.08
CA ASP A 313 44.36 -1.50 15.50
C ASP A 313 42.93 -1.27 15.03
N MET A 314 42.26 -0.30 15.66
CA MET A 314 40.90 0.06 15.27
C MET A 314 40.71 1.56 15.45
N ILE A 315 39.86 2.14 14.61
CA ILE A 315 39.57 3.57 14.63
C ILE A 315 38.07 3.77 14.51
N MET A 316 37.51 4.54 15.44
CA MET A 316 36.10 4.92 15.40
C MET A 316 35.89 6.11 14.48
N GLY A 317 34.65 6.30 14.06
CA GLY A 317 34.33 7.38 13.16
C GLY A 317 32.84 7.68 13.19
N MET A 318 32.45 8.69 12.42
CA MET A 318 31.05 9.07 12.26
C MET A 318 30.70 9.00 10.77
N LEU A 319 29.67 8.24 10.46
CA LEU A 319 29.25 8.04 9.07
C LEU A 319 28.14 9.01 8.73
N SER A 320 28.24 9.66 7.57
CA SER A 320 27.20 10.55 7.09
C SER A 320 27.05 10.34 5.59
N GLN A 321 25.80 10.33 5.12
CA GLN A 321 25.49 10.15 3.71
C GLN A 321 25.53 11.53 3.05
N THR A 322 26.68 11.86 2.46
CA THR A 322 26.90 13.21 1.93
C THR A 322 26.15 13.44 0.63
N SER A 323 26.04 12.41 -0.21
CA SER A 323 25.18 12.44 -1.38
C SER A 323 24.57 11.05 -1.52
N GLU A 324 23.80 10.84 -2.58
CA GLU A 324 23.12 9.56 -2.69
C GLU A 324 24.04 8.43 -3.13
N ASN A 325 25.24 8.73 -3.62
CA ASN A 325 26.22 7.69 -3.90
C ASN A 325 27.56 7.95 -3.21
N GLU A 326 27.59 8.85 -2.22
CA GLU A 326 28.82 9.17 -1.52
C GLU A 326 28.57 9.18 -0.02
N VAL A 327 29.43 8.48 0.71
CA VAL A 327 29.34 8.34 2.15
C VAL A 327 30.68 8.76 2.74
N GLU A 328 30.63 9.55 3.81
CA GLU A 328 31.84 10.00 4.50
C GLU A 328 31.90 9.37 5.88
N ILE A 329 33.06 8.84 6.23
CA ILE A 329 33.32 8.32 7.57
C ILE A 329 34.38 9.22 8.16
N LEU A 330 33.97 10.12 9.06
CA LEU A 330 34.88 11.05 9.73
C LEU A 330 35.53 10.33 10.90
N LEU A 331 36.80 9.95 10.74
CA LEU A 331 37.50 9.17 11.73
C LEU A 331 37.87 10.01 12.95
N SER A 332 38.11 9.33 14.07
CA SER A 332 38.47 10.00 15.31
C SER A 332 39.93 10.41 15.36
N LYS A 333 40.75 9.93 14.43
CA LYS A 333 42.15 10.32 14.35
C LYS A 333 42.63 10.16 12.91
N ASP A 334 43.86 10.59 12.66
CA ASP A 334 44.44 10.45 11.33
C ASP A 334 44.79 8.99 11.06
N ILE A 335 44.72 8.60 9.78
CA ILE A 335 45.16 7.29 9.35
C ILE A 335 46.16 7.48 8.22
N LYS A 336 47.33 6.85 8.36
CA LYS A 336 48.33 6.93 7.31
C LYS A 336 47.86 6.18 6.07
N LYS A 337 48.31 6.65 4.91
CA LYS A 337 47.90 6.04 3.66
C LYS A 337 48.33 4.57 3.58
N ARG A 338 49.49 4.24 4.14
CA ARG A 338 49.95 2.86 4.10
C ARG A 338 49.07 1.92 4.92
N ASP A 339 48.47 2.42 6.01
CA ASP A 339 47.59 1.58 6.82
C ASP A 339 46.16 1.56 6.29
N PHE A 340 45.73 2.65 5.63
CA PHE A 340 44.44 2.65 4.96
C PHE A 340 44.31 1.49 3.99
N LYS A 341 45.41 1.10 3.34
CA LYS A 341 45.39 -0.04 2.44
C LYS A 341 45.21 -1.37 3.16
N ASN A 342 45.36 -1.39 4.49
CA ASN A 342 45.28 -2.62 5.28
C ASN A 342 44.02 -2.69 6.13
N ILE A 343 42.97 -1.97 5.75
CA ILE A 343 41.70 -2.12 6.45
C ILE A 343 41.16 -3.52 6.20
N VAL A 344 40.92 -4.25 7.27
CA VAL A 344 40.38 -5.60 7.15
C VAL A 344 38.86 -5.61 7.26
N LYS A 345 38.29 -4.66 7.99
CA LYS A 345 36.88 -4.72 8.38
C LYS A 345 36.31 -3.31 8.46
N LEU A 346 35.08 -3.16 7.99
CA LEU A 346 34.36 -1.89 8.06
C LEU A 346 33.02 -2.13 8.75
N ASN A 347 32.73 -1.32 9.76
CA ASN A 347 31.51 -1.47 10.54
C ASN A 347 30.69 -0.20 10.52
N THR A 348 29.37 -0.36 10.34
CA THR A 348 28.42 0.69 10.62
C THR A 348 27.84 0.47 12.01
N ALA A 349 26.79 1.20 12.36
CA ALA A 349 26.26 1.15 13.72
C ALA A 349 25.75 -0.24 14.10
N HIS A 350 25.20 -0.98 13.14
CA HIS A 350 24.62 -2.28 13.45
C HIS A 350 25.16 -3.43 12.59
N MET A 351 25.98 -3.16 11.58
CA MET A 351 26.43 -4.18 10.64
C MET A 351 27.94 -4.17 10.52
N THR A 352 28.49 -5.32 10.13
CA THR A 352 29.92 -5.46 9.91
C THR A 352 30.16 -6.02 8.51
N TYR A 353 31.20 -5.54 7.86
CA TYR A 353 31.55 -5.96 6.51
C TYR A 353 33.02 -6.32 6.50
N SER A 354 33.32 -7.61 6.40
CA SER A 354 34.68 -8.06 6.28
C SER A 354 35.19 -7.79 4.87
N LEU A 355 36.29 -7.05 4.76
CA LEU A 355 36.95 -6.89 3.47
C LEU A 355 37.95 -8.04 3.25
#